data_2VSZ
#
_entry.id   2VSZ
#
_cell.length_a   166.016
_cell.length_b   166.016
_cell.length_c   81.704
_cell.angle_alpha   90.00
_cell.angle_beta   90.00
_cell.angle_gamma   120.00
#
_symmetry.space_group_name_H-M   'P 61 2 2'
#
loop_
_entity.id
_entity.type
_entity.pdbx_description
1 polymer 'ENGULFMENT AND CELL MOTILITY PROTEIN 1'
2 water water
#
_entity_poly.entity_id   1
_entity_poly.type   'polypeptide(L)'
_entity_poly.pdbx_seq_one_letter_code
;GPLGSPILELKEKIQPEILELIKQQRLNRLVEGTCFRKLNARRRQDKFWYCRLSPNHKVLHYGDLEESPQGEVPHDSLQD
KLPVADIKAVVTGKDCPHMKEKGALKQNKEVLELAFSILYDSNCQLNFIAPDKHEYCIWTDGLNALLGK
;
_entity_poly.pdbx_strand_id   A,B
#
# COMPACT_ATOMS: atom_id res chain seq x y z
N GLY A 1 -9.61 24.00 -7.93
CA GLY A 1 -10.05 25.05 -6.92
C GLY A 1 -11.13 24.64 -5.91
N PRO A 2 -11.33 25.47 -4.86
CA PRO A 2 -10.33 26.43 -4.34
C PRO A 2 -9.40 25.79 -3.28
N LEU A 3 -9.52 24.47 -3.14
CA LEU A 3 -8.87 23.67 -2.10
C LEU A 3 -8.51 22.30 -2.66
N GLY A 4 -7.47 21.68 -2.10
CA GLY A 4 -7.02 20.36 -2.58
C GLY A 4 -6.03 20.50 -3.73
N SER A 5 -5.30 19.47 -4.05
CA SER A 5 -4.28 19.63 -5.08
C SER A 5 -4.15 18.26 -5.60
N PRO A 6 -4.00 18.16 -6.94
CA PRO A 6 -3.64 16.88 -7.59
C PRO A 6 -2.32 16.28 -7.09
N ILE A 7 -1.50 17.02 -6.37
CA ILE A 7 -0.29 16.42 -5.74
C ILE A 7 -0.68 15.25 -4.79
N LEU A 8 -1.88 15.33 -4.20
CA LEU A 8 -2.40 14.29 -3.32
C LEU A 8 -2.78 13.00 -4.01
N GLU A 9 -2.98 13.01 -5.32
N GLU A 9 -2.95 13.03 -5.33
CA GLU A 9 -3.61 11.86 -5.98
CA GLU A 9 -3.51 11.92 -6.11
C GLU A 9 -2.67 10.64 -6.12
C GLU A 9 -2.68 10.65 -5.98
N LEU A 10 -1.38 10.80 -5.88
CA LEU A 10 -0.48 9.66 -5.88
C LEU A 10 -0.84 8.72 -4.71
N LYS A 11 -0.91 9.31 -3.52
CA LYS A 11 -1.26 8.62 -2.31
C LYS A 11 -2.74 8.31 -2.20
N GLU A 12 -3.60 9.25 -2.59
N GLU A 12 -3.60 9.24 -2.60
CA GLU A 12 -5.04 9.12 -2.36
CA GLU A 12 -5.03 9.06 -2.32
C GLU A 12 -5.84 8.43 -3.44
C GLU A 12 -5.85 8.46 -3.45
N LYS A 13 -5.28 8.38 -4.65
CA LYS A 13 -5.95 7.78 -5.78
C LYS A 13 -5.17 6.69 -6.49
N ILE A 14 -3.97 6.99 -6.95
CA ILE A 14 -3.19 6.04 -7.67
C ILE A 14 -2.87 4.82 -6.76
N GLN A 15 -2.41 5.08 -5.53
CA GLN A 15 -2.01 3.99 -4.67
C GLN A 15 -3.16 2.97 -4.35
N PRO A 16 -4.32 3.46 -3.87
CA PRO A 16 -5.38 2.46 -3.68
C PRO A 16 -5.92 1.76 -4.94
N GLU A 17 -5.94 2.46 -6.08
CA GLU A 17 -6.35 1.86 -7.31
C GLU A 17 -5.43 0.71 -7.80
N ILE A 18 -4.14 0.90 -7.67
CA ILE A 18 -3.19 -0.10 -7.94
C ILE A 18 -3.34 -1.32 -6.97
N LEU A 19 -3.55 -1.10 -5.66
CA LEU A 19 -3.74 -2.18 -4.71
CA LEU A 19 -3.75 -2.17 -4.69
C LEU A 19 -5.00 -2.96 -5.07
N GLU A 20 -6.07 -2.25 -5.42
CA GLU A 20 -7.32 -2.84 -5.79
C GLU A 20 -7.13 -3.69 -7.06
N LEU A 21 -6.39 -3.21 -8.05
CA LEU A 21 -6.32 -4.00 -9.25
C LEU A 21 -5.48 -5.29 -9.13
N ILE A 22 -4.50 -5.24 -8.23
CA ILE A 22 -3.69 -6.36 -7.89
C ILE A 22 -4.52 -7.36 -7.05
N LYS A 23 -5.28 -6.90 -6.04
CA LYS A 23 -6.27 -7.70 -5.36
C LYS A 23 -7.19 -8.44 -6.34
N GLN A 24 -7.74 -7.72 -7.31
CA GLN A 24 -8.72 -8.25 -8.19
C GLN A 24 -8.13 -9.37 -9.07
N GLN A 25 -6.87 -9.20 -9.42
CA GLN A 25 -6.16 -10.12 -10.25
C GLN A 25 -5.78 -11.41 -9.47
N ARG A 26 -5.38 -11.30 -8.20
CA ARG A 26 -5.17 -12.46 -7.31
C ARG A 26 -6.46 -13.29 -7.17
N LEU A 27 -7.59 -12.62 -7.07
CA LEU A 27 -8.90 -13.27 -7.05
C LEU A 27 -9.36 -13.80 -8.42
N ASN A 28 -9.05 -13.10 -9.52
CA ASN A 28 -9.52 -13.61 -10.79
CA ASN A 28 -9.46 -13.59 -10.83
C ASN A 28 -8.81 -14.92 -11.21
N ARG A 29 -7.57 -15.14 -10.77
CA ARG A 29 -6.87 -16.40 -10.96
CA ARG A 29 -6.91 -16.39 -11.05
C ARG A 29 -7.72 -17.57 -10.43
N LEU A 30 -8.34 -17.37 -9.28
CA LEU A 30 -9.22 -18.39 -8.67
C LEU A 30 -10.52 -18.58 -9.44
N VAL A 31 -10.98 -17.51 -10.07
CA VAL A 31 -12.27 -17.51 -10.76
C VAL A 31 -12.08 -18.40 -11.97
N GLU A 32 -10.91 -18.32 -12.57
CA GLU A 32 -10.54 -19.14 -13.68
C GLU A 32 -10.39 -20.62 -13.22
N GLY A 33 -9.62 -20.87 -12.14
CA GLY A 33 -9.61 -22.15 -11.47
C GLY A 33 -8.53 -23.10 -11.91
N THR A 34 -8.57 -24.31 -11.34
CA THR A 34 -7.52 -25.29 -11.53
C THR A 34 -8.16 -26.67 -11.64
N CYS A 35 -7.64 -27.49 -12.55
CA CYS A 35 -8.04 -28.86 -12.73
C CYS A 35 -7.04 -29.68 -11.97
N PHE A 36 -7.54 -30.50 -11.05
CA PHE A 36 -6.71 -31.38 -10.25
C PHE A 36 -7.00 -32.86 -10.64
N ARG A 37 -5.96 -33.68 -10.62
CA ARG A 37 -6.12 -35.09 -10.94
CA ARG A 37 -6.13 -35.10 -10.94
C ARG A 37 -6.68 -35.84 -9.72
N LYS A 38 -7.65 -36.73 -9.94
CA LYS A 38 -8.13 -37.63 -8.88
C LYS A 38 -7.14 -38.77 -8.67
N LEU A 39 -6.25 -38.54 -7.72
CA LEU A 39 -5.08 -39.41 -7.52
C LEU A 39 -5.46 -40.84 -7.09
N ASN A 40 -6.65 -41.03 -6.49
CA ASN A 40 -7.00 -42.35 -5.99
C ASN A 40 -8.15 -42.88 -6.79
N ALA A 41 -8.40 -42.26 -7.96
CA ALA A 41 -9.28 -42.90 -8.90
C ALA A 41 -8.63 -44.25 -9.28
N ARG A 42 -9.48 -45.21 -9.55
CA ARG A 42 -9.02 -46.55 -9.91
C ARG A 42 -10.20 -46.87 -10.78
N ARG A 43 -10.35 -46.01 -11.78
CA ARG A 43 -11.27 -46.13 -12.87
C ARG A 43 -10.31 -46.47 -14.01
N ARG A 44 -10.85 -46.88 -15.17
CA ARG A 44 -10.00 -47.23 -16.32
C ARG A 44 -9.27 -46.00 -16.85
N GLN A 45 -10.00 -44.88 -16.87
CA GLN A 45 -9.45 -43.59 -17.29
C GLN A 45 -8.87 -42.73 -16.13
N ASP A 46 -8.23 -41.64 -16.51
CA ASP A 46 -7.93 -40.57 -15.60
C ASP A 46 -9.21 -39.85 -15.30
N LYS A 47 -9.39 -39.51 -14.01
CA LYS A 47 -10.51 -38.70 -13.56
C LYS A 47 -9.89 -37.44 -12.98
N PHE A 48 -10.69 -36.37 -13.01
CA PHE A 48 -10.24 -35.02 -12.72
C PHE A 48 -11.25 -34.36 -11.76
N TRP A 49 -10.83 -33.29 -11.14
CA TRP A 49 -11.68 -32.61 -10.19
C TRP A 49 -11.33 -31.11 -10.33
N TYR A 50 -12.34 -30.28 -10.46
CA TYR A 50 -12.11 -28.89 -10.71
C TYR A 50 -12.46 -28.08 -9.45
N CYS A 51 -11.74 -26.99 -9.23
CA CYS A 51 -12.10 -26.05 -8.19
C CYS A 51 -11.91 -24.66 -8.72
N ARG A 52 -12.89 -23.78 -8.48
CA ARG A 52 -12.87 -22.38 -8.91
C ARG A 52 -13.72 -21.46 -8.03
N LEU A 53 -13.41 -20.17 -8.06
CA LEU A 53 -14.21 -19.13 -7.36
C LEU A 53 -15.37 -18.66 -8.21
N SER A 54 -16.57 -18.44 -7.66
CA SER A 54 -17.66 -17.81 -8.43
C SER A 54 -17.30 -16.37 -8.89
N PRO A 55 -17.95 -15.88 -9.96
CA PRO A 55 -17.67 -14.56 -10.55
C PRO A 55 -17.82 -13.41 -9.54
N ASN A 56 -18.81 -13.49 -8.64
CA ASN A 56 -18.94 -12.50 -7.56
C ASN A 56 -18.03 -12.72 -6.38
N HIS A 57 -17.11 -13.67 -6.49
CA HIS A 57 -16.12 -13.93 -5.41
C HIS A 57 -16.63 -14.47 -4.08
N LYS A 58 -17.89 -14.87 -3.97
CA LYS A 58 -18.48 -15.29 -2.70
C LYS A 58 -18.60 -16.81 -2.43
N VAL A 59 -18.40 -17.65 -3.45
CA VAL A 59 -18.66 -19.10 -3.30
C VAL A 59 -17.58 -19.87 -4.04
N LEU A 60 -16.91 -20.83 -3.37
CA LEU A 60 -16.09 -21.87 -4.09
C LEU A 60 -16.94 -22.95 -4.67
N HIS A 61 -16.68 -23.30 -5.93
CA HIS A 61 -17.41 -24.38 -6.64
C HIS A 61 -16.43 -25.45 -7.01
N TYR A 62 -16.77 -26.73 -6.85
CA TYR A 62 -15.82 -27.86 -7.13
C TYR A 62 -16.56 -29.14 -7.39
N GLY A 63 -15.93 -30.04 -8.10
CA GLY A 63 -16.57 -31.27 -8.52
C GLY A 63 -15.74 -32.04 -9.52
N ASP A 64 -16.11 -33.30 -9.71
CA ASP A 64 -15.52 -34.25 -10.64
C ASP A 64 -15.79 -33.87 -12.08
N LEU A 65 -14.75 -34.07 -12.90
CA LEU A 65 -14.79 -33.90 -14.33
C LEU A 65 -14.41 -35.24 -14.97
N GLU A 66 -15.03 -35.56 -16.08
CA GLU A 66 -14.72 -36.82 -16.75
C GLU A 66 -13.42 -36.69 -17.50
N GLU A 67 -13.04 -35.46 -17.88
CA GLU A 67 -11.89 -35.19 -18.70
C GLU A 67 -11.26 -33.89 -18.22
N SER A 68 -9.98 -33.71 -18.54
CA SER A 68 -9.27 -32.46 -18.36
C SER A 68 -9.83 -31.42 -19.32
N PRO A 69 -10.27 -30.24 -18.81
CA PRO A 69 -10.91 -29.26 -19.70
C PRO A 69 -9.91 -28.46 -20.54
N GLN A 70 -10.30 -28.12 -21.75
CA GLN A 70 -9.46 -27.32 -22.63
C GLN A 70 -9.97 -25.91 -22.65
N GLY A 71 -10.96 -25.60 -21.81
CA GLY A 71 -11.56 -24.27 -21.78
C GLY A 71 -12.13 -23.93 -20.40
N GLU A 72 -13.08 -22.99 -20.40
CA GLU A 72 -13.78 -22.54 -19.20
C GLU A 72 -14.71 -23.63 -18.68
N VAL A 73 -14.66 -23.81 -17.38
CA VAL A 73 -15.51 -24.73 -16.66
C VAL A 73 -16.65 -23.87 -16.02
N PRO A 74 -17.89 -24.01 -16.54
CA PRO A 74 -18.96 -23.25 -15.88
C PRO A 74 -19.07 -23.72 -14.41
N HIS A 75 -19.13 -22.76 -13.45
CA HIS A 75 -19.08 -23.06 -12.00
C HIS A 75 -20.38 -23.72 -11.49
N ASP A 76 -21.54 -23.24 -11.98
CA ASP A 76 -22.84 -23.79 -11.55
C ASP A 76 -22.97 -25.27 -11.88
N SER A 77 -22.30 -25.72 -12.94
CA SER A 77 -22.38 -27.17 -13.36
C SER A 77 -21.62 -28.10 -12.35
N LEU A 78 -20.67 -27.56 -11.60
CA LEU A 78 -19.88 -28.42 -10.66
C LEU A 78 -20.73 -28.98 -9.51
N GLN A 79 -20.45 -30.22 -9.07
CA GLN A 79 -21.30 -30.84 -8.06
C GLN A 79 -21.40 -30.00 -6.78
N ASP A 80 -20.29 -29.45 -6.29
CA ASP A 80 -20.29 -28.96 -4.91
C ASP A 80 -19.99 -27.45 -4.75
N LYS A 81 -20.27 -26.96 -3.54
CA LYS A 81 -20.04 -25.54 -3.25
C LYS A 81 -19.83 -25.22 -1.79
N LEU A 82 -19.04 -24.17 -1.57
CA LEU A 82 -18.56 -23.74 -0.28
C LEU A 82 -18.60 -22.21 -0.20
N PRO A 83 -19.58 -21.65 0.57
CA PRO A 83 -19.52 -20.20 0.84
C PRO A 83 -18.15 -19.81 1.38
N VAL A 84 -17.51 -18.89 0.72
CA VAL A 84 -16.29 -18.28 1.26
C VAL A 84 -16.46 -17.84 2.73
N ALA A 85 -17.65 -17.32 3.09
CA ALA A 85 -17.96 -16.90 4.48
C ALA A 85 -17.76 -17.99 5.50
N ASP A 86 -17.92 -19.24 5.04
CA ASP A 86 -17.86 -20.42 5.90
C ASP A 86 -16.42 -20.94 6.08
N ILE A 87 -15.45 -20.30 5.44
CA ILE A 87 -14.04 -20.71 5.57
C ILE A 87 -13.42 -20.19 6.90
N LYS A 88 -12.93 -21.12 7.74
CA LYS A 88 -12.19 -20.76 8.96
C LYS A 88 -10.74 -20.42 8.65
N ALA A 89 -10.02 -21.34 8.00
CA ALA A 89 -8.57 -21.16 7.77
C ALA A 89 -8.08 -21.94 6.55
N VAL A 90 -6.96 -21.47 6.00
CA VAL A 90 -6.15 -22.24 5.09
C VAL A 90 -4.86 -22.65 5.81
N VAL A 91 -4.57 -23.94 5.74
CA VAL A 91 -3.34 -24.51 6.28
C VAL A 91 -2.56 -25.19 5.14
N THR A 92 -1.28 -25.39 5.38
CA THR A 92 -0.27 -25.59 4.39
C THR A 92 0.70 -26.71 4.88
N GLY A 93 1.18 -27.56 3.98
CA GLY A 93 2.25 -28.53 4.32
C GLY A 93 1.95 -29.53 5.42
N LYS A 94 2.93 -29.68 6.33
CA LYS A 94 2.85 -30.56 7.50
C LYS A 94 1.62 -30.34 8.38
N ASP A 95 1.12 -29.10 8.36
CA ASP A 95 -0.09 -28.69 9.10
C ASP A 95 -1.41 -29.24 8.56
N CYS A 96 -1.39 -29.75 7.32
CA CYS A 96 -2.56 -30.32 6.67
C CYS A 96 -2.96 -31.66 7.24
N PRO A 97 -4.27 -31.84 7.45
CA PRO A 97 -4.61 -33.10 8.09
C PRO A 97 -4.27 -34.35 7.25
N HIS A 98 -4.21 -34.19 5.91
CA HIS A 98 -3.92 -35.34 5.03
C HIS A 98 -2.41 -35.55 4.88
N MET A 99 -1.63 -34.74 5.59
CA MET A 99 -0.18 -34.78 5.54
C MET A 99 0.46 -35.24 6.88
N LYS A 100 -0.34 -35.86 7.76
CA LYS A 100 0.26 -36.39 9.00
C LYS A 100 0.84 -37.83 8.88
N GLU A 101 2.16 -37.87 8.68
CA GLU A 101 2.87 -39.12 8.39
C GLU A 101 4.36 -39.07 8.76
N ASN A 108 9.15 -37.06 2.20
CA ASN A 108 7.98 -36.62 1.44
C ASN A 108 8.04 -35.11 1.18
N LYS A 109 9.26 -34.58 1.04
CA LYS A 109 9.46 -33.13 0.94
C LYS A 109 8.69 -32.44 -0.21
N GLU A 110 8.54 -33.14 -1.33
CA GLU A 110 7.96 -32.51 -2.52
C GLU A 110 6.44 -32.40 -2.46
N VAL A 111 5.77 -33.37 -1.83
CA VAL A 111 4.32 -33.33 -1.73
C VAL A 111 3.86 -32.31 -0.70
N LEU A 112 4.59 -32.21 0.41
CA LEU A 112 4.36 -31.22 1.44
C LEU A 112 4.41 -29.82 0.84
N GLU A 113 5.32 -29.59 -0.10
CA GLU A 113 5.35 -28.28 -0.75
C GLU A 113 4.11 -27.96 -1.60
N LEU A 114 3.25 -28.96 -1.84
CA LEU A 114 2.11 -28.82 -2.78
C LEU A 114 0.80 -28.96 -2.06
N ALA A 115 0.83 -29.26 -0.76
CA ALA A 115 -0.37 -29.61 0.00
C ALA A 115 -0.98 -28.40 0.65
N PHE A 116 -2.31 -28.24 0.55
CA PHE A 116 -2.99 -27.20 1.31
C PHE A 116 -4.37 -27.70 1.60
N SER A 117 -4.99 -27.16 2.65
CA SER A 117 -6.30 -27.60 3.07
C SER A 117 -7.15 -26.37 3.42
N ILE A 118 -8.42 -26.41 3.07
CA ILE A 118 -9.33 -25.37 3.49
C ILE A 118 -10.15 -25.94 4.63
N LEU A 119 -10.08 -25.35 5.81
CA LEU A 119 -10.87 -25.78 6.98
C LEU A 119 -12.17 -24.96 7.07
N TYR A 120 -13.28 -25.64 7.21
CA TYR A 120 -14.57 -24.96 7.20
C TYR A 120 -15.58 -25.65 8.12
N ASP A 121 -16.55 -24.87 8.59
CA ASP A 121 -17.68 -25.42 9.35
C ASP A 121 -17.20 -26.04 10.66
N SER A 122 -17.78 -27.19 11.00
CA SER A 122 -17.50 -27.91 12.25
C SER A 122 -16.00 -28.24 12.39
N ASN A 123 -15.63 -29.44 12.00
CA ASN A 123 -14.23 -29.72 11.75
C ASN A 123 -14.09 -30.47 10.40
N CYS A 124 -14.51 -29.74 9.36
CA CYS A 124 -14.46 -30.20 7.98
C CYS A 124 -13.20 -29.72 7.28
N GLN A 125 -12.75 -30.45 6.29
CA GLN A 125 -11.58 -30.01 5.55
C GLN A 125 -11.66 -30.48 4.13
N LEU A 126 -11.35 -29.54 3.24
CA LEU A 126 -11.19 -29.75 1.84
C LEU A 126 -9.68 -29.76 1.59
N ASN A 127 -9.15 -30.93 1.26
CA ASN A 127 -7.71 -31.17 1.17
C ASN A 127 -7.32 -31.19 -0.28
N PHE A 128 -6.13 -30.64 -0.59
CA PHE A 128 -5.63 -30.55 -1.95
C PHE A 128 -4.18 -30.99 -2.02
N ILE A 129 -3.78 -31.43 -3.19
CA ILE A 129 -2.34 -31.57 -3.53
C ILE A 129 -2.28 -30.93 -4.93
N ALA A 130 -1.64 -29.77 -5.03
CA ALA A 130 -1.58 -29.04 -6.29
C ALA A 130 -0.78 -29.84 -7.32
N PRO A 131 -1.13 -29.73 -8.59
CA PRO A 131 -0.36 -30.43 -9.65
C PRO A 131 1.05 -29.92 -9.81
N ASP A 132 1.29 -28.66 -9.46
CA ASP A 132 2.61 -28.05 -9.61
C ASP A 132 2.63 -26.81 -8.64
N LYS A 133 3.81 -26.26 -8.41
CA LYS A 133 4.09 -25.13 -7.55
C LYS A 133 3.39 -23.83 -8.05
N HIS A 134 3.15 -23.68 -9.37
CA HIS A 134 2.40 -22.52 -9.88
C HIS A 134 0.95 -22.55 -9.48
N GLU A 135 0.33 -23.73 -9.52
CA GLU A 135 -1.08 -23.90 -9.16
C GLU A 135 -1.22 -23.76 -7.65
N TYR A 136 -0.26 -24.34 -6.91
CA TYR A 136 -0.20 -24.21 -5.45
C TYR A 136 -0.19 -22.73 -5.03
N CYS A 137 0.70 -21.94 -5.65
N CYS A 137 0.69 -21.99 -5.68
CA CYS A 137 0.79 -20.52 -5.40
CA CYS A 137 0.85 -20.58 -5.46
C CYS A 137 -0.46 -19.79 -5.80
C CYS A 137 -0.42 -19.80 -5.81
N ILE A 138 -1.08 -20.18 -6.91
CA ILE A 138 -2.37 -19.56 -7.27
C ILE A 138 -3.42 -19.73 -6.17
N TRP A 139 -3.55 -20.93 -5.62
CA TRP A 139 -4.53 -21.19 -4.53
C TRP A 139 -4.15 -20.51 -3.18
N THR A 140 -2.91 -20.64 -2.75
CA THR A 140 -2.56 -20.06 -1.46
C THR A 140 -2.57 -18.53 -1.49
N ASP A 141 -1.99 -17.92 -2.52
CA ASP A 141 -2.05 -16.48 -2.70
C ASP A 141 -3.49 -16.03 -2.89
N GLY A 142 -4.28 -16.75 -3.72
CA GLY A 142 -5.65 -16.32 -3.93
C GLY A 142 -6.52 -16.43 -2.68
N LEU A 143 -6.32 -17.50 -1.89
CA LEU A 143 -7.00 -17.65 -0.61
C LEU A 143 -6.61 -16.56 0.40
N ASN A 144 -5.34 -16.18 0.46
CA ASN A 144 -4.88 -15.02 1.28
C ASN A 144 -5.63 -13.72 0.93
N ALA A 145 -5.71 -13.42 -0.37
CA ALA A 145 -6.48 -12.29 -0.89
C ALA A 145 -7.94 -12.34 -0.50
N LEU A 146 -8.53 -13.52 -0.61
CA LEU A 146 -9.93 -13.79 -0.31
C LEU A 146 -10.26 -13.65 1.18
N LEU A 147 -9.32 -14.07 2.02
CA LEU A 147 -9.54 -14.15 3.45
C LEU A 147 -8.99 -12.97 4.25
N GLY A 148 -8.29 -12.02 3.80
N LEU B 3 13.10 -22.86 -5.58
CA LEU B 3 11.81 -23.15 -4.92
C LEU B 3 10.96 -21.89 -4.94
N GLY B 4 9.68 -22.02 -5.30
CA GLY B 4 8.69 -20.90 -5.22
C GLY B 4 8.37 -20.10 -6.48
N SER B 5 7.14 -20.31 -6.98
CA SER B 5 6.57 -19.70 -8.22
C SER B 5 6.56 -18.20 -8.45
N PRO B 6 6.85 -17.77 -9.69
CA PRO B 6 6.67 -16.37 -10.11
C PRO B 6 5.23 -15.81 -10.02
N ILE B 7 4.23 -16.63 -9.76
CA ILE B 7 2.87 -16.18 -9.57
C ILE B 7 2.78 -15.32 -8.29
N LEU B 8 3.72 -15.51 -7.36
CA LEU B 8 3.76 -14.76 -6.10
C LEU B 8 4.27 -13.36 -6.21
N GLU B 9 4.96 -13.03 -7.30
N GLU B 9 4.96 -13.08 -7.33
CA GLU B 9 5.65 -11.74 -7.35
CA GLU B 9 5.59 -11.79 -7.65
C GLU B 9 4.74 -10.51 -7.66
C GLU B 9 4.68 -10.61 -7.40
N LEU B 10 3.45 -10.74 -7.88
CA LEU B 10 2.50 -9.65 -7.93
CA LEU B 10 2.56 -9.63 -7.89
C LEU B 10 2.33 -9.10 -6.48
N LYS B 11 2.01 -9.98 -5.53
CA LYS B 11 1.82 -9.66 -4.14
C LYS B 11 3.15 -9.37 -3.44
N GLU B 12 4.16 -10.18 -3.72
CA GLU B 12 5.33 -10.18 -2.86
C GLU B 12 6.48 -9.32 -3.37
N LYS B 13 6.44 -8.97 -4.65
CA LYS B 13 7.49 -8.15 -5.20
C LYS B 13 6.99 -6.84 -5.87
N ILE B 14 6.07 -6.93 -6.82
CA ILE B 14 5.58 -5.79 -7.57
C ILE B 14 4.79 -4.81 -6.64
N GLN B 15 3.86 -5.36 -5.84
CA GLN B 15 3.10 -4.53 -4.97
C GLN B 15 3.97 -3.74 -3.96
N PRO B 16 4.86 -4.39 -3.19
CA PRO B 16 5.68 -3.53 -2.31
C PRO B 16 6.65 -2.60 -2.98
N GLU B 17 7.14 -2.96 -4.17
CA GLU B 17 8.03 -2.09 -4.88
C GLU B 17 7.28 -0.88 -5.43
N ILE B 18 6.03 -1.06 -5.86
CA ILE B 18 5.20 0.09 -6.21
C ILE B 18 4.88 1.03 -5.00
N LEU B 19 4.53 0.48 -3.84
CA LEU B 19 4.30 1.32 -2.67
C LEU B 19 5.57 2.04 -2.24
N GLU B 20 6.72 1.38 -2.36
CA GLU B 20 7.99 2.01 -2.07
C GLU B 20 8.40 3.18 -3.04
N LEU B 21 8.11 3.01 -4.31
CA LEU B 21 8.29 4.03 -5.30
C LEU B 21 7.46 5.32 -4.98
N ILE B 22 6.20 5.13 -4.63
CA ILE B 22 5.23 6.14 -4.34
C ILE B 22 5.71 6.82 -3.09
N LYS B 23 6.00 6.03 -2.04
CA LYS B 23 6.55 6.59 -0.82
C LYS B 23 7.80 7.43 -1.04
N GLN B 24 8.76 6.89 -1.79
CA GLN B 24 9.99 7.62 -2.05
C GLN B 24 9.74 8.96 -2.82
N GLN B 25 8.75 8.99 -3.72
CA GLN B 25 8.39 10.16 -4.48
C GLN B 25 7.79 11.25 -3.55
N ARG B 26 6.98 10.84 -2.58
CA ARG B 26 6.35 11.79 -1.66
C ARG B 26 7.37 12.50 -0.80
N LEU B 27 8.38 11.73 -0.38
CA LEU B 27 9.54 12.19 0.35
C LEU B 27 10.51 13.01 -0.49
N ASN B 28 10.74 12.60 -1.72
CA ASN B 28 11.68 13.32 -2.54
CA ASN B 28 11.63 13.29 -2.64
C ASN B 28 11.15 14.71 -2.94
N ARG B 29 9.83 14.94 -2.83
CA ARG B 29 9.23 16.26 -3.09
CA ARG B 29 9.26 16.26 -3.11
C ARG B 29 9.74 17.23 -2.00
N LEU B 30 9.90 16.74 -0.77
CA LEU B 30 10.54 17.55 0.34
C LEU B 30 12.04 17.72 0.21
N VAL B 31 12.74 16.73 -0.35
CA VAL B 31 14.17 16.87 -0.69
C VAL B 31 14.39 18.04 -1.66
N GLU B 32 13.44 18.26 -2.57
CA GLU B 32 13.54 19.38 -3.44
C GLU B 32 13.30 20.66 -2.61
N GLY B 33 12.30 20.62 -1.72
CA GLY B 33 12.00 21.70 -0.79
C GLY B 33 11.27 22.89 -1.39
N THR B 34 11.07 23.92 -0.58
CA THR B 34 10.16 25.00 -0.89
C THR B 34 10.73 26.29 -0.25
N CYS B 35 10.60 27.40 -0.97
CA CYS B 35 10.90 28.72 -0.42
C CYS B 35 9.64 29.25 0.30
N PHE B 36 9.77 29.56 1.58
CA PHE B 36 8.65 30.14 2.35
C PHE B 36 8.87 31.63 2.67
N ARG B 37 7.76 32.34 2.88
CA ARG B 37 7.81 33.72 3.36
C ARG B 37 8.22 33.70 4.86
N LYS B 38 9.16 34.55 5.24
CA LYS B 38 9.64 34.58 6.63
C LYS B 38 8.55 35.23 7.53
N LEU B 39 8.29 34.62 8.68
CA LEU B 39 7.26 35.07 9.61
C LEU B 39 7.89 35.98 10.66
N ASN B 40 7.16 37.00 11.12
CA ASN B 40 7.72 37.95 12.14
C ASN B 40 9.02 38.58 11.74
N ALA B 41 9.14 38.91 10.46
CA ALA B 41 10.37 39.47 9.93
C ALA B 41 10.36 40.97 10.12
N ARG B 42 11.43 41.45 10.75
CA ARG B 42 11.58 42.83 11.06
C ARG B 42 12.06 43.54 9.84
N ARG B 43 11.97 44.83 9.91
CA ARG B 43 12.39 45.72 8.86
C ARG B 43 13.82 45.34 8.53
N ARG B 44 14.16 45.18 7.27
CA ARG B 44 15.58 44.95 6.99
C ARG B 44 16.15 43.53 7.20
N GLN B 45 15.39 42.63 7.84
CA GLN B 45 15.75 41.19 7.93
C GLN B 45 15.35 40.47 6.63
N ASP B 46 16.03 39.35 6.34
CA ASP B 46 15.67 38.46 5.21
C ASP B 46 14.17 38.08 5.25
N LYS B 47 13.47 38.21 4.15
CA LYS B 47 12.03 38.01 4.13
C LYS B 47 11.59 36.62 3.63
N PHE B 48 12.58 35.75 3.31
CA PHE B 48 12.35 34.39 2.84
C PHE B 48 13.13 33.38 3.71
N TRP B 49 12.72 32.12 3.65
CA TRP B 49 13.58 31.03 4.17
C TRP B 49 13.24 29.78 3.38
N TYR B 50 14.18 28.85 3.36
CA TYR B 50 14.06 27.72 2.52
C TYR B 50 14.04 26.53 3.47
N CYS B 51 13.28 25.49 3.13
CA CYS B 51 13.29 24.27 3.90
C CYS B 51 13.32 23.06 2.95
N ARG B 52 14.28 22.16 3.16
CA ARG B 52 14.38 20.94 2.37
C ARG B 52 14.88 19.75 3.17
N LEU B 53 14.37 18.57 2.81
CA LEU B 53 14.75 17.31 3.46
C LEU B 53 16.10 16.86 2.94
N SER B 54 16.95 16.33 3.83
CA SER B 54 18.25 15.77 3.38
C SER B 54 18.05 14.62 2.41
N PRO B 55 19.03 14.41 1.51
CA PRO B 55 18.83 13.31 0.55
C PRO B 55 18.55 11.93 1.20
N ASN B 56 19.02 11.70 2.42
CA ASN B 56 18.76 10.42 3.12
C ASN B 56 17.52 10.46 3.99
N HIS B 57 16.78 11.55 3.89
CA HIS B 57 15.48 11.68 4.54
C HIS B 57 15.51 11.76 6.05
N LYS B 58 16.71 11.96 6.61
CA LYS B 58 16.89 12.01 8.06
C LYS B 58 16.75 13.39 8.72
N VAL B 59 17.08 14.47 8.00
CA VAL B 59 17.06 15.81 8.61
C VAL B 59 16.44 16.87 7.70
N LEU B 60 15.58 17.70 8.28
CA LEU B 60 15.11 18.91 7.64
C LEU B 60 16.12 20.03 7.83
N HIS B 61 16.69 20.50 6.71
CA HIS B 61 17.57 21.66 6.71
C HIS B 61 16.75 22.86 6.37
N TYR B 62 17.08 24.00 6.98
CA TYR B 62 16.35 25.24 6.73
C TYR B 62 17.21 26.46 7.10
N GLY B 63 16.89 27.60 6.52
CA GLY B 63 17.70 28.80 6.66
C GLY B 63 17.03 29.95 5.92
N ASP B 64 17.39 31.16 6.33
CA ASP B 64 16.84 32.41 5.80
C ASP B 64 17.48 32.67 4.46
N LEU B 65 16.77 33.40 3.61
CA LEU B 65 17.28 33.77 2.31
C LEU B 65 16.84 35.21 2.05
N GLU B 66 17.69 35.98 1.36
CA GLU B 66 17.40 37.37 1.03
C GLU B 66 16.36 37.46 -0.08
N GLU B 67 16.39 36.51 -1.03
CA GLU B 67 15.36 36.48 -2.08
C GLU B 67 14.98 35.07 -2.39
N SER B 68 13.90 34.93 -3.13
CA SER B 68 13.43 33.66 -3.59
C SER B 68 14.48 33.18 -4.63
N PRO B 69 15.03 31.98 -4.41
CA PRO B 69 16.21 31.55 -5.17
C PRO B 69 15.87 31.08 -6.61
N GLN B 70 16.74 31.40 -7.56
CA GLN B 70 16.58 30.92 -8.94
C GLN B 70 17.22 29.55 -9.13
N GLY B 71 18.31 29.26 -8.44
CA GLY B 71 18.91 27.94 -8.56
C GLY B 71 18.58 27.09 -7.35
N GLU B 72 19.16 25.90 -7.28
CA GLU B 72 19.03 25.02 -6.13
C GLU B 72 19.81 25.57 -4.91
N VAL B 73 19.20 25.39 -3.74
CA VAL B 73 19.85 25.81 -2.50
C VAL B 73 20.44 24.55 -1.84
N PRO B 74 21.77 24.37 -1.89
CA PRO B 74 22.23 23.05 -1.40
C PRO B 74 21.95 22.89 0.10
N HIS B 75 21.64 21.64 0.51
CA HIS B 75 21.36 21.25 1.91
C HIS B 75 22.34 21.82 2.92
N ASP B 76 23.62 21.60 2.64
CA ASP B 76 24.77 22.15 3.41
C ASP B 76 24.85 23.66 3.60
N SER B 77 24.21 24.44 2.73
CA SER B 77 24.32 25.90 2.87
C SER B 77 23.27 26.44 3.83
N LEU B 78 22.38 25.58 4.31
CA LEU B 78 21.32 26.08 5.18
C LEU B 78 21.79 26.04 6.62
N GLN B 79 21.66 27.17 7.31
CA GLN B 79 22.07 27.30 8.72
C GLN B 79 21.66 26.09 9.58
N ASP B 80 20.35 25.84 9.62
CA ASP B 80 19.74 25.01 10.68
C ASP B 80 19.25 23.63 10.28
N LYS B 81 19.30 22.72 11.24
CA LYS B 81 18.88 21.32 11.09
C LYS B 81 17.73 21.07 12.07
N LEU B 82 16.75 20.29 11.63
CA LEU B 82 15.77 19.69 12.52
C LEU B 82 15.75 18.19 12.19
N PRO B 83 16.37 17.36 13.07
CA PRO B 83 16.32 15.90 12.86
C PRO B 83 14.89 15.41 12.86
N VAL B 84 14.53 14.65 11.83
CA VAL B 84 13.17 14.12 11.69
C VAL B 84 12.68 13.34 12.93
N ALA B 85 13.59 12.53 13.50
CA ALA B 85 13.35 11.76 14.73
C ALA B 85 12.84 12.60 15.90
N ASP B 86 13.23 13.87 15.94
CA ASP B 86 12.79 14.80 16.99
C ASP B 86 11.35 15.37 16.78
N ILE B 87 10.69 15.05 15.66
CA ILE B 87 9.34 15.58 15.42
C ILE B 87 8.27 14.84 16.23
N LYS B 88 7.54 15.61 17.04
CA LYS B 88 6.43 15.06 17.79
C LYS B 88 5.20 14.91 16.90
N ALA B 89 4.85 15.98 16.19
CA ALA B 89 3.54 16.09 15.53
C ALA B 89 3.53 17.17 14.45
N VAL B 90 2.55 17.10 13.55
CA VAL B 90 2.25 18.17 12.60
C VAL B 90 0.80 18.72 12.85
N VAL B 91 0.65 20.02 13.01
CA VAL B 91 -0.70 20.55 13.19
C VAL B 91 -0.99 21.47 12.00
N THR B 92 -2.26 21.74 11.74
CA THR B 92 -2.66 22.58 10.59
C THR B 92 -3.70 23.63 10.93
N GLY B 93 -3.83 24.68 10.11
CA GLY B 93 -4.97 25.63 10.19
C GLY B 93 -5.09 26.33 11.54
N LYS B 94 -6.28 26.27 12.17
CA LYS B 94 -6.51 26.91 13.50
C LYS B 94 -5.66 26.36 14.63
N ASP B 95 -5.11 25.16 14.49
CA ASP B 95 -4.34 24.56 15.60
C ASP B 95 -2.87 24.94 15.65
N CYS B 96 -2.42 25.72 14.66
CA CYS B 96 -1.07 26.28 14.60
C CYS B 96 -0.92 27.47 15.53
N PRO B 97 0.16 27.51 16.32
CA PRO B 97 0.39 28.66 17.21
C PRO B 97 0.38 30.00 16.46
N HIS B 98 0.97 30.06 15.27
CA HIS B 98 1.07 31.36 14.57
C HIS B 98 -0.29 31.84 14.08
N MET B 99 -1.27 30.93 14.08
CA MET B 99 -2.65 31.21 13.71
C MET B 99 -3.46 31.58 14.94
N LYS B 100 -2.87 31.43 16.13
CA LYS B 100 -3.47 31.93 17.39
C LYS B 100 -2.94 33.29 17.91
N GLU B 101 -2.13 34.00 17.14
CA GLU B 101 -1.65 35.32 17.56
C GLU B 101 -2.79 36.32 17.74
N LYS B 102 -2.72 37.13 18.81
CA LYS B 102 -3.77 38.05 19.17
C LYS B 102 -3.42 39.49 18.91
N GLY B 103 -2.15 39.79 18.70
CA GLY B 103 -1.76 41.19 18.59
C GLY B 103 -1.26 41.51 17.19
N ALA B 104 -0.15 42.21 17.13
CA ALA B 104 0.37 42.74 15.91
C ALA B 104 0.88 41.66 14.93
N LEU B 105 1.08 40.45 15.48
CA LEU B 105 1.65 39.34 14.75
C LEU B 105 0.60 38.48 14.11
N LYS B 106 -0.67 38.84 14.31
CA LYS B 106 -1.77 38.04 13.74
C LYS B 106 -1.73 37.89 12.23
N GLN B 107 -2.18 36.71 11.76
CA GLN B 107 -2.19 36.42 10.33
C GLN B 107 -3.58 36.79 9.76
N ASN B 108 -3.63 37.19 8.48
CA ASN B 108 -4.96 37.26 7.80
C ASN B 108 -5.58 35.88 7.81
N LYS B 109 -6.87 35.82 8.09
CA LYS B 109 -7.63 34.56 8.10
C LYS B 109 -7.62 33.88 6.74
N GLU B 110 -7.42 34.70 5.70
CA GLU B 110 -7.32 34.18 4.34
C GLU B 110 -6.23 33.10 4.14
N VAL B 111 -5.28 33.04 5.06
CA VAL B 111 -4.09 32.19 4.95
C VAL B 111 -4.22 30.96 5.86
N LEU B 112 -5.36 30.84 6.52
CA LEU B 112 -5.66 29.70 7.41
C LEU B 112 -5.49 28.28 6.76
N GLU B 113 -6.03 28.10 5.54
CA GLU B 113 -5.95 26.86 4.79
C GLU B 113 -4.50 26.54 4.32
N LEU B 114 -3.56 27.44 4.59
CA LEU B 114 -2.18 27.38 4.07
C LEU B 114 -1.20 27.12 5.19
N ALA B 115 -1.72 27.11 6.42
CA ALA B 115 -0.87 27.07 7.62
C ALA B 115 -0.63 25.69 8.19
N PHE B 116 0.61 25.40 8.57
CA PHE B 116 0.94 24.13 9.21
C PHE B 116 2.15 24.38 10.06
N SER B 117 2.35 23.53 11.05
CA SER B 117 3.46 23.65 11.96
C SER B 117 3.91 22.28 12.31
N ILE B 118 5.21 22.15 12.51
CA ILE B 118 5.83 20.94 12.95
C ILE B 118 6.20 21.20 14.38
N LEU B 119 5.64 20.41 15.29
CA LEU B 119 5.99 20.46 16.71
C LEU B 119 7.11 19.48 17.02
N TYR B 120 8.14 20.00 17.68
CA TYR B 120 9.31 19.21 18.04
C TYR B 120 9.75 19.59 19.45
N ASP B 121 10.40 18.65 20.13
CA ASP B 121 11.08 18.94 21.41
C ASP B 121 10.20 19.60 22.51
N SER B 122 8.92 19.17 22.52
CA SER B 122 7.92 19.48 23.55
C SER B 122 7.73 20.97 23.99
N ASN B 123 8.33 21.91 23.26
CA ASN B 123 8.07 23.36 23.42
C ASN B 123 8.14 24.13 22.08
N CYS B 124 8.82 23.55 21.09
CA CYS B 124 9.16 24.30 19.86
C CYS B 124 8.28 24.04 18.64
N GLN B 125 8.25 25.02 17.74
CA GLN B 125 7.57 24.87 16.47
C GLN B 125 8.45 25.35 15.34
N LEU B 126 8.33 24.70 14.18
CA LEU B 126 8.64 25.34 12.93
C LEU B 126 7.26 25.69 12.35
N ASN B 127 6.96 26.97 12.21
CA ASN B 127 5.66 27.46 11.72
C ASN B 127 5.80 27.78 10.22
N PHE B 128 4.80 27.41 9.42
CA PHE B 128 4.87 27.68 7.97
C PHE B 128 3.57 28.28 7.52
N ILE B 129 3.62 29.15 6.53
CA ILE B 129 2.45 29.47 5.72
C ILE B 129 2.83 29.07 4.27
N ALA B 130 2.16 28.10 3.69
CA ALA B 130 2.56 27.67 2.36
C ALA B 130 2.28 28.80 1.37
N PRO B 131 3.14 28.95 0.36
CA PRO B 131 2.85 30.00 -0.62
C PRO B 131 1.54 29.75 -1.34
N ASP B 132 1.13 28.48 -1.47
CA ASP B 132 -0.07 28.09 -2.17
C ASP B 132 -0.52 26.64 -1.76
N LYS B 133 -1.65 26.18 -2.31
CA LYS B 133 -2.33 24.99 -1.89
C LYS B 133 -1.53 23.73 -2.32
N HIS B 134 -0.76 23.86 -3.41
CA HIS B 134 0.01 22.80 -3.96
C HIS B 134 1.21 22.56 -3.09
N GLU B 135 1.88 23.61 -2.65
CA GLU B 135 3.00 23.52 -1.69
C GLU B 135 2.53 23.04 -0.32
N TYR B 136 1.38 23.55 0.12
CA TYR B 136 0.71 23.00 1.28
C TYR B 136 0.57 21.48 1.22
N CYS B 137 0.04 20.97 0.12
CA CYS B 137 -0.12 19.52 -0.05
CA CYS B 137 -0.12 19.51 -0.09
C CYS B 137 1.22 18.79 -0.14
N ILE B 138 2.21 19.38 -0.83
CA ILE B 138 3.57 18.78 -0.83
C ILE B 138 4.05 18.52 0.59
N TRP B 139 3.92 19.54 1.47
CA TRP B 139 4.42 19.46 2.85
C TRP B 139 3.60 18.58 3.72
N THR B 140 2.28 18.76 3.73
CA THR B 140 1.46 17.86 4.54
C THR B 140 1.49 16.39 4.10
N ASP B 141 1.39 16.13 2.80
CA ASP B 141 1.56 14.76 2.30
C ASP B 141 2.96 14.20 2.54
N GLY B 142 3.98 15.01 2.28
CA GLY B 142 5.36 14.61 2.53
C GLY B 142 5.66 14.27 4.00
N LEU B 143 5.11 15.08 4.91
CA LEU B 143 5.30 14.86 6.35
C LEU B 143 4.52 13.65 6.82
N ASN B 144 3.34 13.40 6.24
CA ASN B 144 2.62 12.17 6.52
C ASN B 144 3.46 10.94 6.17
N ALA B 145 4.13 10.96 5.03
CA ALA B 145 5.00 9.88 4.56
C ALA B 145 6.25 9.67 5.44
N LEU B 146 6.84 10.76 5.88
CA LEU B 146 7.95 10.77 6.82
C LEU B 146 7.62 10.20 8.23
N LEU B 147 6.35 10.32 8.63
CA LEU B 147 5.90 10.00 9.97
C LEU B 147 4.94 8.79 9.91
N GLY B 148 3.64 9.01 10.12
CA GLY B 148 2.63 7.95 9.92
C GLY B 148 2.50 7.52 8.46
N LYS B 149 1.47 8.06 7.78
CA LYS B 149 1.38 8.14 6.29
C LYS B 149 0.14 8.89 5.78
#